data_4RTN
#
_entry.id   4RTN
#
_cell.length_a   36.201
_cell.length_b   63.477
_cell.length_c   144.048
_cell.angle_alpha   90.00
_cell.angle_beta   90.00
_cell.angle_gamma   90.00
#
_symmetry.space_group_name_H-M   'P 21 21 21'
#
loop_
_entity.id
_entity.type
_entity.pdbx_description
1 polymer 'DNA adenine methylase'
2 polymer "DNA (5'-D(*TP*TP*TP*AP*AP*AP*GP*AP*TP*CP*G)-3')"
3 polymer "DNA (5'-D(*AP*CP*GP*AP*TP*CP*TP*TP*TP*AP*A)-3')"
4 non-polymer S-ADENOSYL-L-HOMOCYSTEINE
5 water water
#
loop_
_entity_poly.entity_id
_entity_poly.type
_entity_poly.pdbx_seq_one_letter_code
_entity_poly.pdbx_strand_id
1 'polypeptide(L)'
;MGSSHHHHHHSSGLVPRGSHMKKNRAFLKWAGGKYPLLDDIKRHLPKGECLVEPFVGAGSVFLNTDFSRYILADINSDLI
SLYNIVKMRTDEYVQAARELFVPETNCAEVYYQFREEFNKSQDPFRRAVLFLYLNRYGYNGLCRYNLRGEFNVPFGRYKK
PYFPEAELYHFAEKAQNAFFYCESYADSMARADDSSVVYCDPPYAPLSATANFTAYHTNSFTLEQQAHLAEIAEGLVERH
IPVLISNHDTMLTREWYQRAKLHVVKVRRSISSNGGTRKKVDELLALYKPGVVSPAKK
;
A
2 'polydeoxyribonucleotide' (DT)(DT)(DT)(DA)(DA)(DA)(DG)(DA)(DT)(DC)(DG) F
3 'polydeoxyribonucleotide' (DA)(DC)(DG)(DA)(DT)(DC)(DT)(DT)(DT)(DA)(DA) G
#
loop_
_chem_comp.id
_chem_comp.type
_chem_comp.name
_chem_comp.formula
DA DNA linking 2'-DEOXYADENOSINE-5'-MONOPHOSPHATE 'C10 H14 N5 O6 P'
DC DNA linking 2'-DEOXYCYTIDINE-5'-MONOPHOSPHATE 'C9 H14 N3 O7 P'
DG DNA linking 2'-DEOXYGUANOSINE-5'-MONOPHOSPHATE 'C10 H14 N5 O7 P'
DT DNA linking THYMIDINE-5'-MONOPHOSPHATE 'C10 H15 N2 O8 P'
#
# COMPACT_ATOMS: atom_id res chain seq x y z
N LYS A 23 -13.48 -10.12 -4.72
CA LYS A 23 -12.32 -9.35 -4.28
C LYS A 23 -11.99 -8.21 -5.23
N ASN A 24 -12.08 -6.98 -4.74
CA ASN A 24 -11.80 -5.80 -5.54
C ASN A 24 -10.30 -5.62 -5.81
N ARG A 25 -9.97 -5.20 -7.03
CA ARG A 25 -8.58 -5.05 -7.44
C ARG A 25 -8.12 -3.59 -7.35
N ALA A 26 -6.89 -3.39 -6.89
CA ALA A 26 -6.31 -2.05 -6.84
C ALA A 26 -5.90 -1.61 -8.24
N PHE A 27 -5.85 -0.30 -8.48
CA PHE A 27 -5.49 0.20 -9.80
C PHE A 27 -3.98 0.30 -9.96
N LEU A 28 -3.26 0.07 -8.87
CA LEU A 28 -1.80 0.12 -8.91
C LEU A 28 -1.16 -1.26 -8.77
N LYS A 29 -0.13 -1.50 -9.57
CA LYS A 29 0.77 -2.62 -9.33
C LYS A 29 1.64 -2.26 -8.14
N TRP A 30 1.65 -3.12 -7.12
CA TRP A 30 2.36 -2.79 -5.88
C TRP A 30 2.72 -4.03 -5.09
N ALA A 31 3.82 -3.95 -4.34
CA ALA A 31 4.22 -5.05 -3.47
C ALA A 31 3.23 -5.22 -2.33
N GLY A 32 3.01 -6.47 -1.92
CA GLY A 32 2.10 -6.75 -0.84
C GLY A 32 0.64 -6.64 -1.24
N GLY A 33 0.31 -7.17 -2.42
CA GLY A 33 -1.07 -7.18 -2.88
C GLY A 33 -1.96 -7.95 -1.93
N LYS A 34 -1.43 -9.04 -1.39
CA LYS A 34 -2.09 -9.84 -0.36
C LYS A 34 -3.48 -10.32 -0.76
N TYR A 35 -3.74 -10.43 -2.06
CA TYR A 35 -5.04 -10.87 -2.56
C TYR A 35 -5.42 -12.28 -2.11
N PRO A 36 -4.46 -13.24 -2.11
CA PRO A 36 -4.86 -14.54 -1.56
C PRO A 36 -5.02 -14.52 -0.05
N LEU A 37 -4.55 -13.45 0.60
CA LEU A 37 -4.59 -13.36 2.05
C LEU A 37 -5.75 -12.52 2.56
N LEU A 38 -6.44 -11.85 1.64
CA LEU A 38 -7.55 -10.97 2.00
C LEU A 38 -8.62 -11.69 2.79
N ASP A 39 -8.86 -12.95 2.46
CA ASP A 39 -9.86 -13.75 3.16
C ASP A 39 -9.43 -14.02 4.59
N ASP A 40 -8.14 -14.24 4.79
CA ASP A 40 -7.61 -14.57 6.11
C ASP A 40 -7.48 -13.33 7.00
N ILE A 41 -7.17 -12.19 6.39
CA ILE A 41 -7.05 -10.94 7.12
C ILE A 41 -8.40 -10.49 7.68
N LYS A 42 -9.42 -10.52 6.84
CA LYS A 42 -10.77 -10.12 7.24
C LYS A 42 -11.31 -10.99 8.37
N ARG A 43 -10.87 -12.24 8.39
CA ARG A 43 -11.31 -13.18 9.41
C ARG A 43 -10.80 -12.80 10.81
N HIS A 44 -9.58 -12.27 10.86
CA HIS A 44 -8.96 -11.94 12.13
C HIS A 44 -8.94 -10.43 12.42
N LEU A 45 -9.58 -9.66 11.54
CA LEU A 45 -9.61 -8.21 11.70
C LEU A 45 -10.85 -7.77 12.49
N PRO A 46 -10.64 -7.27 13.72
CA PRO A 46 -11.73 -6.87 14.61
C PRO A 46 -12.63 -5.80 14.00
N LYS A 47 -13.90 -5.80 14.37
CA LYS A 47 -14.83 -4.78 13.90
C LYS A 47 -14.51 -3.45 14.55
N GLY A 48 -14.82 -2.36 13.86
CA GLY A 48 -14.53 -1.04 14.37
C GLY A 48 -15.19 0.05 13.56
N GLU A 49 -15.05 1.29 14.04
CA GLU A 49 -15.63 2.44 13.36
C GLU A 49 -14.68 2.95 12.28
N CYS A 50 -13.39 2.91 12.56
CA CYS A 50 -12.38 3.39 11.64
C CYS A 50 -11.24 2.39 11.49
N LEU A 51 -10.67 2.32 10.30
CA LEU A 51 -9.52 1.45 10.07
C LEU A 51 -8.26 2.27 9.81
N VAL A 52 -7.25 2.04 10.64
CA VAL A 52 -5.96 2.72 10.46
C VAL A 52 -4.99 1.79 9.74
N GLU A 53 -4.42 2.27 8.65
CA GLU A 53 -3.51 1.47 7.85
C GLU A 53 -2.21 2.24 7.59
N PRO A 54 -1.21 2.03 8.45
CA PRO A 54 0.10 2.71 8.39
C PRO A 54 0.92 2.38 7.14
N PHE A 55 0.68 1.21 6.53
CA PHE A 55 1.39 0.82 5.32
C PHE A 55 0.40 0.50 4.21
N VAL A 56 -0.40 1.49 3.81
CA VAL A 56 -1.55 1.23 2.94
C VAL A 56 -1.15 0.71 1.55
N GLY A 57 -0.07 1.24 0.99
CA GLY A 57 0.38 0.85 -0.33
C GLY A 57 -0.71 0.98 -1.39
N ALA A 58 -1.00 -0.14 -2.06
CA ALA A 58 -2.04 -0.16 -3.09
C ALA A 58 -3.43 -0.13 -2.47
N GLY A 59 -3.51 -0.46 -1.18
CA GLY A 59 -4.76 -0.42 -0.44
C GLY A 59 -5.74 -1.53 -0.78
N SER A 60 -5.25 -2.75 -0.91
CA SER A 60 -6.11 -3.89 -1.21
C SER A 60 -7.04 -4.20 -0.04
N VAL A 61 -6.57 -3.97 1.18
CA VAL A 61 -7.38 -4.19 2.37
C VAL A 61 -8.48 -3.13 2.47
N PHE A 62 -8.07 -1.88 2.25
CA PHE A 62 -8.99 -0.75 2.23
C PHE A 62 -10.09 -0.93 1.17
N LEU A 63 -9.73 -1.49 0.02
CA LEU A 63 -10.68 -1.67 -1.07
C LEU A 63 -11.56 -2.91 -0.89
N ASN A 64 -11.21 -3.76 0.07
CA ASN A 64 -11.95 -5.00 0.28
C ASN A 64 -12.48 -5.17 1.70
N THR A 65 -12.68 -4.06 2.39
CA THR A 65 -13.32 -4.08 3.70
C THR A 65 -14.47 -3.07 3.74
N ASP A 66 -15.18 -3.03 4.85
CA ASP A 66 -16.33 -2.13 4.96
C ASP A 66 -16.30 -1.37 6.29
N PHE A 67 -15.45 -0.34 6.37
CA PHE A 67 -15.40 0.52 7.54
C PHE A 67 -16.04 1.87 7.23
N SER A 68 -16.60 2.51 8.25
CA SER A 68 -17.24 3.80 8.08
C SER A 68 -16.21 4.88 7.77
N ARG A 69 -15.06 4.80 8.44
CA ARG A 69 -13.98 5.75 8.22
C ARG A 69 -12.66 5.04 8.00
N TYR A 70 -11.72 5.73 7.35
CA TYR A 70 -10.41 5.16 7.06
C TYR A 70 -9.29 6.17 7.28
N ILE A 71 -8.23 5.71 7.94
CA ILE A 71 -7.00 6.50 8.02
C ILE A 71 -5.88 5.74 7.31
N LEU A 72 -5.50 6.24 6.15
CA LEU A 72 -4.54 5.55 5.30
C LEU A 72 -3.23 6.33 5.19
N ALA A 73 -2.12 5.69 5.51
CA ALA A 73 -0.82 6.37 5.49
C ALA A 73 0.27 5.54 4.82
N ASP A 74 1.31 6.23 4.35
CA ASP A 74 2.46 5.61 3.74
C ASP A 74 3.62 6.59 3.69
N ILE A 75 4.85 6.09 3.66
CA ILE A 75 6.02 6.96 3.63
C ILE A 75 6.26 7.53 2.22
N ASN A 76 5.66 6.88 1.22
CA ASN A 76 5.81 7.29 -0.18
C ASN A 76 4.97 8.52 -0.51
N SER A 77 5.63 9.66 -0.73
CA SER A 77 4.93 10.91 -0.97
C SER A 77 4.22 10.93 -2.32
N ASP A 78 4.81 10.29 -3.32
CA ASP A 78 4.17 10.16 -4.62
C ASP A 78 2.87 9.38 -4.49
N LEU A 79 2.90 8.32 -3.70
CA LEU A 79 1.74 7.45 -3.51
C LEU A 79 0.58 8.20 -2.87
N ILE A 80 0.87 8.96 -1.83
CA ILE A 80 -0.15 9.70 -1.10
C ILE A 80 -0.69 10.86 -1.94
N SER A 81 0.21 11.53 -2.65
CA SER A 81 -0.17 12.65 -3.51
C SER A 81 -1.10 12.19 -4.62
N LEU A 82 -0.80 11.02 -5.20
CA LEU A 82 -1.65 10.44 -6.22
C LEU A 82 -3.05 10.17 -5.69
N TYR A 83 -3.12 9.60 -4.49
CA TYR A 83 -4.40 9.22 -3.90
C TYR A 83 -5.30 10.42 -3.66
N ASN A 84 -4.72 11.52 -3.17
CA ASN A 84 -5.47 12.74 -2.94
C ASN A 84 -6.05 13.32 -4.22
N ILE A 85 -5.26 13.28 -5.29
CA ILE A 85 -5.68 13.82 -6.58
C ILE A 85 -6.76 12.95 -7.22
N VAL A 86 -6.62 11.64 -7.08
CA VAL A 86 -7.63 10.71 -7.57
C VAL A 86 -8.95 10.93 -6.83
N LYS A 87 -8.85 11.23 -5.54
CA LYS A 87 -10.04 11.46 -4.71
C LYS A 87 -10.71 12.79 -5.01
N MET A 88 -9.92 13.86 -5.04
CA MET A 88 -10.46 15.21 -5.15
C MET A 88 -10.77 15.64 -6.59
N ARG A 89 -10.01 15.12 -7.54
CA ARG A 89 -10.18 15.50 -8.95
C ARG A 89 -10.33 14.26 -9.83
N THR A 90 -11.36 13.47 -9.56
CA THR A 90 -11.51 12.15 -10.18
C THR A 90 -11.69 12.18 -11.69
N ASP A 91 -12.75 12.83 -12.15
CA ASP A 91 -13.06 12.87 -13.58
C ASP A 91 -11.96 13.55 -14.37
N GLU A 92 -11.38 14.61 -13.80
CA GLU A 92 -10.30 15.33 -14.44
C GLU A 92 -9.07 14.45 -14.61
N TYR A 93 -8.76 13.69 -13.57
CA TYR A 93 -7.58 12.82 -13.59
C TYR A 93 -7.73 11.67 -14.58
N VAL A 94 -8.90 11.02 -14.56
CA VAL A 94 -9.14 9.86 -15.41
C VAL A 94 -9.02 10.20 -16.90
N GLN A 95 -9.62 11.33 -17.30
CA GLN A 95 -9.59 11.74 -18.69
C GLN A 95 -8.17 12.07 -19.16
N ALA A 96 -7.33 12.53 -18.23
CA ALA A 96 -5.96 12.91 -18.57
C ALA A 96 -5.05 11.68 -18.60
N ALA A 97 -5.27 10.76 -17.68
CA ALA A 97 -4.43 9.58 -17.55
C ALA A 97 -4.73 8.54 -18.64
N ARG A 98 -5.96 8.55 -19.13
CA ARG A 98 -6.38 7.60 -20.15
C ARG A 98 -5.66 7.85 -21.46
N GLU A 99 -5.30 9.11 -21.71
CA GLU A 99 -4.64 9.50 -22.94
C GLU A 99 -3.22 8.96 -23.04
N LEU A 100 -2.65 8.59 -21.91
CA LEU A 100 -1.35 7.98 -21.91
C LEU A 100 -1.37 6.51 -22.24
N PHE A 101 -2.50 5.85 -22.10
CA PHE A 101 -2.59 4.44 -22.42
C PHE A 101 -3.00 4.14 -23.85
N VAL A 102 -2.23 4.61 -24.79
CA VAL A 102 -2.49 4.36 -26.17
C VAL A 102 -1.28 3.70 -26.76
N PRO A 103 -1.47 2.95 -27.82
CA PRO A 103 -0.42 2.12 -28.42
C PRO A 103 0.91 2.83 -28.66
N GLU A 104 0.87 4.10 -29.04
CA GLU A 104 2.09 4.81 -29.42
C GLU A 104 2.97 5.17 -28.21
N THR A 105 2.43 5.03 -27.01
CA THR A 105 3.21 5.29 -25.80
C THR A 105 3.90 4.02 -25.30
N ASN A 106 3.62 2.89 -25.96
CA ASN A 106 4.19 1.63 -25.54
C ASN A 106 5.53 1.35 -26.21
N CYS A 107 6.48 2.26 -26.03
CA CYS A 107 7.84 2.06 -26.55
C CYS A 107 8.87 2.77 -25.67
N ALA A 108 10.12 2.30 -25.74
CA ALA A 108 11.17 2.75 -24.85
C ALA A 108 11.42 4.26 -24.88
N GLU A 109 11.54 4.82 -26.08
CA GLU A 109 11.88 6.23 -26.25
C GLU A 109 10.86 7.15 -25.59
N VAL A 110 9.59 6.83 -25.74
CA VAL A 110 8.52 7.63 -25.15
C VAL A 110 8.46 7.42 -23.64
N TYR A 111 8.67 6.18 -23.20
CA TYR A 111 8.67 5.87 -21.77
C TYR A 111 9.72 6.67 -21.00
N TYR A 112 10.94 6.71 -21.52
CA TYR A 112 12.01 7.38 -20.79
C TYR A 112 11.86 8.89 -20.80
N GLN A 113 11.16 9.44 -21.79
CA GLN A 113 10.88 10.87 -21.80
C GLN A 113 9.80 11.19 -20.77
N PHE A 114 8.79 10.33 -20.68
CA PHE A 114 7.75 10.48 -19.67
C PHE A 114 8.35 10.33 -18.27
N ARG A 115 9.28 9.40 -18.12
CA ARG A 115 9.95 9.19 -16.83
C ARG A 115 10.77 10.41 -16.45
N GLU A 116 11.34 11.08 -17.45
CA GLU A 116 12.12 12.29 -17.21
C GLU A 116 11.21 13.47 -16.90
N GLU A 117 10.09 13.55 -17.63
CA GLU A 117 9.11 14.60 -17.40
C GLU A 117 8.55 14.52 -16.00
N PHE A 118 8.36 13.29 -15.52
CA PHE A 118 7.88 13.06 -14.15
C PHE A 118 8.87 13.61 -13.12
N ASN A 119 10.15 13.31 -13.33
CA ASN A 119 11.18 13.69 -12.38
C ASN A 119 11.51 15.18 -12.41
N LYS A 120 11.05 15.87 -13.45
CA LYS A 120 11.32 17.30 -13.57
C LYS A 120 10.07 18.12 -13.28
N SER A 121 8.92 17.45 -13.21
CA SER A 121 7.65 18.16 -13.00
C SER A 121 7.50 18.65 -11.56
N GLN A 122 6.95 19.84 -11.41
CA GLN A 122 6.66 20.39 -10.10
C GLN A 122 5.16 20.41 -9.85
N ASP A 123 4.39 20.00 -10.85
CA ASP A 123 2.95 19.96 -10.74
C ASP A 123 2.47 18.59 -10.24
N PRO A 124 1.84 18.57 -9.06
CA PRO A 124 1.31 17.33 -8.46
C PRO A 124 0.35 16.56 -9.37
N PHE A 125 -0.50 17.28 -10.10
CA PHE A 125 -1.47 16.64 -10.99
C PHE A 125 -0.78 15.92 -12.14
N ARG A 126 0.12 16.62 -12.81
CA ARG A 126 0.87 16.04 -13.92
C ARG A 126 1.72 14.85 -13.45
N ARG A 127 2.33 14.97 -12.28
CA ARG A 127 3.12 13.90 -11.71
C ARG A 127 2.26 12.68 -11.42
N ALA A 128 1.04 12.92 -10.93
CA ALA A 128 0.11 11.84 -10.61
C ALA A 128 -0.33 11.11 -11.88
N VAL A 129 -0.50 11.84 -12.97
CA VAL A 129 -0.88 11.25 -14.24
C VAL A 129 0.22 10.35 -14.76
N LEU A 130 1.45 10.87 -14.79
CA LEU A 130 2.60 10.11 -15.26
C LEU A 130 2.89 8.91 -14.37
N PHE A 131 2.58 9.05 -13.08
CA PHE A 131 2.86 8.00 -12.10
C PHE A 131 2.13 6.71 -12.44
N LEU A 132 0.88 6.84 -12.88
CA LEU A 132 0.09 5.67 -13.27
C LEU A 132 0.65 5.03 -14.53
N TYR A 133 1.11 5.86 -15.46
CA TYR A 133 1.74 5.37 -16.68
C TYR A 133 3.00 4.59 -16.35
N LEU A 134 3.87 5.17 -15.54
CA LEU A 134 5.13 4.55 -15.16
C LEU A 134 4.90 3.25 -14.38
N ASN A 135 3.79 3.17 -13.65
CA ASN A 135 3.47 1.99 -12.88
C ASN A 135 3.02 0.83 -13.77
N ARG A 136 2.32 1.16 -14.86
CA ARG A 136 1.73 0.16 -15.75
C ARG A 136 2.61 -0.19 -16.95
N TYR A 137 3.54 0.70 -17.29
CA TYR A 137 4.44 0.47 -18.41
C TYR A 137 5.85 0.15 -17.95
N GLY A 138 6.12 0.43 -16.67
CA GLY A 138 7.44 0.20 -16.10
C GLY A 138 7.73 -1.26 -15.84
N TYR A 139 9.00 -1.56 -15.62
CA TYR A 139 9.46 -2.93 -15.41
C TYR A 139 8.86 -3.55 -14.15
N ASN A 140 8.07 -4.61 -14.31
CA ASN A 140 7.48 -5.36 -13.22
C ASN A 140 6.66 -4.52 -12.24
N GLY A 141 6.22 -3.35 -12.70
CA GLY A 141 5.43 -2.45 -11.87
C GLY A 141 6.18 -1.99 -10.64
N LEU A 142 7.50 -1.93 -10.73
CA LEU A 142 8.33 -1.53 -9.60
C LEU A 142 8.21 -0.03 -9.34
N CYS A 143 8.64 0.38 -8.15
CA CYS A 143 8.74 1.80 -7.81
C CYS A 143 10.07 2.03 -7.12
N ARG A 144 11.04 2.53 -7.88
CA ARG A 144 12.41 2.69 -7.39
C ARG A 144 12.89 4.12 -7.57
N TYR A 145 13.64 4.62 -6.58
CA TYR A 145 14.22 5.95 -6.68
C TYR A 145 15.72 5.90 -6.42
N ASN A 146 16.45 6.89 -6.93
CA ASN A 146 17.83 7.08 -6.51
C ASN A 146 17.87 8.01 -5.31
N LEU A 147 19.05 8.38 -4.85
CA LEU A 147 19.19 9.23 -3.68
C LEU A 147 18.86 10.69 -3.98
N ARG A 148 18.45 10.96 -5.22
CA ARG A 148 18.03 12.30 -5.62
C ARG A 148 16.50 12.38 -5.67
N GLY A 149 15.86 11.26 -5.37
CA GLY A 149 14.41 11.19 -5.43
C GLY A 149 13.88 11.07 -6.84
N GLU A 150 14.72 10.53 -7.72
CA GLU A 150 14.36 10.36 -9.12
C GLU A 150 13.95 8.92 -9.43
N PHE A 151 12.75 8.78 -9.97
CA PHE A 151 12.22 7.49 -10.41
C PHE A 151 13.07 6.92 -11.55
N ASN A 152 13.72 5.78 -11.33
CA ASN A 152 14.60 5.22 -12.35
C ASN A 152 14.31 3.75 -12.70
N VAL A 153 13.04 3.42 -12.85
CA VAL A 153 12.64 2.09 -13.30
C VAL A 153 12.60 2.04 -14.82
N PRO A 154 13.33 1.08 -15.43
CA PRO A 154 13.41 0.97 -16.89
C PRO A 154 12.07 0.54 -17.54
N PHE A 155 12.05 0.55 -18.86
CA PHE A 155 10.86 0.17 -19.62
C PHE A 155 10.49 -1.29 -19.42
N GLY A 156 9.20 -1.58 -19.33
CA GLY A 156 8.73 -2.91 -19.01
C GLY A 156 8.51 -3.83 -20.20
N ARG A 157 8.29 -3.23 -21.37
CA ARG A 157 8.04 -3.98 -22.61
C ARG A 157 6.89 -4.98 -22.48
N TYR A 158 5.69 -4.48 -22.16
CA TYR A 158 4.50 -5.31 -22.10
C TYR A 158 3.77 -5.27 -23.44
N LYS A 159 2.93 -6.27 -23.67
CA LYS A 159 2.13 -6.32 -24.90
C LYS A 159 1.11 -5.20 -24.92
N LYS A 160 0.21 -5.20 -23.95
CA LYS A 160 -0.83 -4.18 -23.87
C LYS A 160 -1.18 -3.86 -22.42
N PRO A 161 -0.57 -2.82 -21.86
CA PRO A 161 -0.84 -2.41 -20.48
C PRO A 161 -2.31 -2.04 -20.28
N TYR A 162 -2.87 -2.46 -19.16
CA TYR A 162 -4.28 -2.26 -18.87
C TYR A 162 -4.55 -0.95 -18.15
N PHE A 163 -5.51 -0.18 -18.65
CA PHE A 163 -5.92 1.05 -17.99
C PHE A 163 -7.06 0.76 -17.02
N PRO A 164 -6.78 0.87 -15.71
CA PRO A 164 -7.72 0.52 -14.65
C PRO A 164 -8.76 1.60 -14.38
N GLU A 165 -9.64 1.86 -15.34
CA GLU A 165 -10.63 2.93 -15.19
C GLU A 165 -11.67 2.59 -14.13
N ALA A 166 -12.19 1.37 -14.18
CA ALA A 166 -13.16 0.92 -13.20
C ALA A 166 -12.54 0.91 -11.80
N GLU A 167 -11.29 0.47 -11.72
CA GLU A 167 -10.56 0.42 -10.46
C GLU A 167 -10.33 1.83 -9.91
N LEU A 168 -10.11 2.78 -10.81
CA LEU A 168 -9.89 4.17 -10.41
C LEU A 168 -11.15 4.78 -9.78
N TYR A 169 -12.27 4.66 -10.48
CA TYR A 169 -13.52 5.25 -10.01
C TYR A 169 -14.00 4.61 -8.71
N HIS A 170 -13.77 3.30 -8.58
CA HIS A 170 -14.15 2.59 -7.37
C HIS A 170 -13.29 3.06 -6.19
N PHE A 171 -12.02 3.35 -6.47
CA PHE A 171 -11.12 3.89 -5.46
C PHE A 171 -11.60 5.26 -4.99
N ALA A 172 -11.98 6.11 -5.94
CA ALA A 172 -12.41 7.46 -5.65
C ALA A 172 -13.68 7.47 -4.79
N GLU A 173 -14.63 6.60 -5.12
CA GLU A 173 -15.87 6.47 -4.34
C GLU A 173 -15.54 6.03 -2.92
N LYS A 174 -14.74 4.98 -2.81
CA LYS A 174 -14.35 4.42 -1.52
C LYS A 174 -13.55 5.42 -0.69
N ALA A 175 -12.81 6.29 -1.38
CA ALA A 175 -11.93 7.25 -0.72
C ALA A 175 -12.68 8.42 -0.09
N GLN A 176 -13.98 8.50 -0.35
CA GLN A 176 -14.78 9.59 0.20
C GLN A 176 -14.83 9.52 1.72
N ASN A 177 -14.59 8.34 2.27
CA ASN A 177 -14.59 8.14 3.71
C ASN A 177 -13.18 7.86 4.25
N ALA A 178 -12.18 8.45 3.62
CA ALA A 178 -10.79 8.18 3.98
C ALA A 178 -9.95 9.45 4.05
N PHE A 179 -8.93 9.40 4.90
CA PHE A 179 -7.94 10.48 4.97
C PHE A 179 -6.56 9.91 4.69
N PHE A 180 -5.79 10.62 3.87
CA PHE A 180 -4.46 10.18 3.47
C PHE A 180 -3.37 11.05 4.08
N TYR A 181 -2.34 10.40 4.62
CA TYR A 181 -1.22 11.11 5.23
C TYR A 181 0.11 10.50 4.80
N CYS A 182 1.05 11.34 4.39
CA CYS A 182 2.40 10.88 4.12
C CYS A 182 3.26 11.02 5.38
N GLU A 183 3.48 9.90 6.06
CA GLU A 183 4.22 9.90 7.32
C GLU A 183 4.65 8.49 7.70
N SER A 184 5.58 8.40 8.64
CA SER A 184 6.06 7.11 9.10
C SER A 184 5.00 6.41 9.94
N TYR A 185 5.23 5.13 10.25
CA TYR A 185 4.24 4.32 10.95
C TYR A 185 3.96 4.81 12.36
N ALA A 186 4.96 5.37 13.01
CA ALA A 186 4.82 5.85 14.38
C ALA A 186 3.76 6.93 14.50
N ASP A 187 3.78 7.89 13.56
CA ASP A 187 2.86 9.01 13.59
C ASP A 187 1.44 8.61 13.20
N SER A 188 1.32 7.73 12.21
CA SER A 188 0.00 7.30 11.74
C SER A 188 -0.75 6.49 12.80
N MET A 189 -0.02 5.63 13.51
CA MET A 189 -0.64 4.79 14.53
C MET A 189 -1.07 5.61 15.74
N ALA A 190 -0.44 6.77 15.90
CA ALA A 190 -0.78 7.68 17.00
C ALA A 190 -2.09 8.41 16.73
N ARG A 191 -2.64 8.21 15.55
CA ARG A 191 -3.91 8.82 15.18
C ARG A 191 -5.09 7.94 15.58
N ALA A 192 -4.77 6.77 16.08
CA ALA A 192 -5.79 5.79 16.45
C ALA A 192 -6.46 6.07 17.80
N ASP A 193 -7.78 6.09 17.77
CA ASP A 193 -8.60 6.16 18.94
C ASP A 193 -9.24 4.84 19.32
N ASP A 194 -10.11 4.89 20.31
CA ASP A 194 -10.80 3.74 20.84
C ASP A 194 -11.73 3.07 19.88
N SER A 195 -12.22 3.80 18.92
CA SER A 195 -13.16 3.18 17.98
C SER A 195 -12.49 2.80 16.68
N SER A 196 -11.16 2.77 16.68
CA SER A 196 -10.42 2.48 15.46
C SER A 196 -9.66 1.16 15.56
N VAL A 197 -9.56 0.46 14.43
CA VAL A 197 -8.79 -0.78 14.34
C VAL A 197 -7.56 -0.54 13.47
N VAL A 198 -6.43 -1.12 13.87
CA VAL A 198 -5.18 -0.92 13.15
C VAL A 198 -4.68 -2.19 12.48
N TYR A 199 -4.52 -2.13 11.16
CA TYR A 199 -3.91 -3.23 10.43
C TYR A 199 -2.54 -2.82 9.91
N CYS A 200 -1.54 -3.67 10.11
CA CYS A 200 -0.18 -3.37 9.68
C CYS A 200 0.38 -4.39 8.71
N ASP A 201 0.83 -3.91 7.55
CA ASP A 201 1.55 -4.74 6.59
C ASP A 201 2.90 -4.10 6.29
N PRO A 202 3.86 -4.25 7.22
CA PRO A 202 5.18 -3.66 7.05
C PRO A 202 5.97 -4.38 5.95
N PRO A 203 7.05 -3.78 5.46
CA PRO A 203 7.93 -4.50 4.54
C PRO A 203 8.35 -5.84 5.12
N TYR A 204 8.40 -6.88 4.28
CA TYR A 204 8.68 -8.24 4.74
C TYR A 204 9.97 -8.36 5.54
N ALA A 205 9.95 -9.26 6.53
CA ALA A 205 11.14 -9.55 7.34
C ALA A 205 12.15 -10.36 6.53
N PRO A 206 13.44 -10.23 6.87
CA PRO A 206 14.49 -10.98 6.17
C PRO A 206 14.31 -12.49 6.27
N LEU A 207 14.43 -13.19 5.15
CA LEU A 207 14.32 -14.64 5.13
C LEU A 207 15.70 -15.27 5.33
N SER A 208 16.72 -14.43 5.44
CA SER A 208 18.09 -14.90 5.64
C SER A 208 18.90 -13.89 6.44
N SER A 220 16.22 1.23 3.73
CA SER A 220 15.38 0.05 3.86
C SER A 220 14.68 -0.01 5.22
N PHE A 221 13.88 -1.04 5.43
CA PHE A 221 13.15 -1.21 6.68
C PHE A 221 13.98 -2.06 7.66
N THR A 222 14.63 -1.39 8.60
CA THR A 222 15.56 -2.03 9.52
C THR A 222 14.88 -3.01 10.47
N LEU A 223 15.69 -3.83 11.14
CA LEU A 223 15.19 -4.77 12.13
C LEU A 223 14.65 -4.07 13.36
N GLU A 224 15.24 -2.92 13.69
CA GLU A 224 14.82 -2.13 14.84
C GLU A 224 13.41 -1.59 14.64
N GLN A 225 13.11 -1.17 13.41
CA GLN A 225 11.78 -0.69 13.07
C GLN A 225 10.76 -1.83 13.17
N GLN A 226 11.19 -3.03 12.78
CA GLN A 226 10.34 -4.21 12.86
C GLN A 226 9.91 -4.47 14.30
N ALA A 227 10.86 -4.35 15.23
CA ALA A 227 10.59 -4.57 16.64
C ALA A 227 9.87 -3.37 17.27
N HIS A 228 10.17 -2.18 16.75
CA HIS A 228 9.51 -0.97 17.22
C HIS A 228 8.02 -1.01 16.93
N LEU A 229 7.68 -1.50 15.73
CA LEU A 229 6.28 -1.65 15.32
C LEU A 229 5.52 -2.54 16.30
N ALA A 230 6.20 -3.59 16.77
CA ALA A 230 5.61 -4.50 17.75
C ALA A 230 5.41 -3.79 19.09
N GLU A 231 6.36 -2.94 19.46
CA GLU A 231 6.28 -2.19 20.71
C GLU A 231 5.12 -1.21 20.73
N ILE A 232 4.94 -0.51 19.62
CA ILE A 232 3.83 0.43 19.47
C ILE A 232 2.51 -0.32 19.47
N ALA A 233 2.51 -1.50 18.85
CA ALA A 233 1.33 -2.35 18.81
C ALA A 233 0.90 -2.75 20.21
N GLU A 234 1.87 -3.10 21.04
CA GLU A 234 1.60 -3.49 22.43
C GLU A 234 1.10 -2.29 23.23
N GLY A 235 1.52 -1.10 22.85
CA GLY A 235 0.99 0.11 23.43
C GLY A 235 -0.47 0.36 23.15
N LEU A 236 -0.87 0.14 21.92
CA LEU A 236 -2.26 0.38 21.54
C LEU A 236 -3.25 -0.57 22.17
N VAL A 237 -2.87 -1.82 22.29
CA VAL A 237 -3.72 -2.80 22.91
C VAL A 237 -3.89 -2.49 24.37
N GLU A 238 -2.79 -2.12 25.00
CA GLU A 238 -2.81 -1.80 26.39
C GLU A 238 -3.75 -0.67 26.61
N ARG A 239 -3.98 0.12 25.58
CA ARG A 239 -4.87 1.24 25.59
C ARG A 239 -6.20 0.92 24.94
N HIS A 240 -6.48 -0.35 24.72
CA HIS A 240 -7.80 -0.76 24.22
C HIS A 240 -8.01 -0.64 22.74
N ILE A 241 -6.93 -0.50 21.98
CA ILE A 241 -7.05 -0.44 20.55
C ILE A 241 -6.51 -1.70 19.95
N PRO A 242 -7.42 -2.38 19.14
CA PRO A 242 -6.87 -3.60 18.54
C PRO A 242 -5.88 -3.41 17.41
N VAL A 243 -4.90 -4.29 17.30
CA VAL A 243 -3.90 -4.20 16.23
C VAL A 243 -3.66 -5.55 15.56
N LEU A 244 -3.75 -5.58 14.23
CA LEU A 244 -3.47 -6.79 13.46
C LEU A 244 -2.26 -6.58 12.56
N ILE A 245 -1.27 -7.45 12.69
CA ILE A 245 -0.04 -7.33 11.91
C ILE A 245 0.22 -8.56 11.07
N SER A 246 0.54 -8.36 9.79
CA SER A 246 0.86 -9.48 8.91
C SER A 246 2.33 -9.44 8.50
N ASN A 247 2.95 -10.61 8.42
CA ASN A 247 4.35 -10.73 8.03
C ASN A 247 4.70 -12.19 7.71
N HIS A 248 5.94 -12.43 7.30
CA HIS A 248 6.42 -13.80 7.07
C HIS A 248 6.42 -14.58 8.39
N ASP A 249 6.45 -15.90 8.29
CA ASP A 249 6.49 -16.73 9.48
C ASP A 249 7.91 -17.23 9.75
N THR A 250 8.71 -16.38 10.39
CA THR A 250 10.10 -16.72 10.74
C THR A 250 10.31 -16.72 12.24
N MET A 251 11.54 -16.98 12.66
CA MET A 251 11.87 -17.00 14.08
C MET A 251 11.79 -15.61 14.69
N LEU A 252 12.19 -14.61 13.91
CA LEU A 252 12.18 -13.22 14.37
C LEU A 252 10.76 -12.68 14.54
N THR A 253 9.88 -13.05 13.63
CA THR A 253 8.49 -12.59 13.68
C THR A 253 7.75 -13.24 14.84
N ARG A 254 8.17 -14.44 15.21
CA ARG A 254 7.61 -15.13 16.37
C ARG A 254 7.94 -14.37 17.65
N GLU A 255 9.18 -13.91 17.74
CA GLU A 255 9.67 -13.21 18.93
C GLU A 255 9.11 -11.79 19.01
N TRP A 256 9.07 -11.11 17.87
CA TRP A 256 8.55 -9.74 17.82
C TRP A 256 7.09 -9.68 18.22
N TYR A 257 6.31 -10.66 17.76
CA TYR A 257 4.88 -10.66 17.97
C TYR A 257 4.45 -11.70 19.00
N GLN A 258 5.25 -11.88 20.04
CA GLN A 258 5.00 -12.92 21.04
C GLN A 258 3.83 -12.57 21.96
N ARG A 259 3.55 -11.28 22.12
CA ARG A 259 2.48 -10.84 22.99
C ARG A 259 1.14 -10.77 22.26
N ALA A 260 1.01 -11.53 21.19
CA ALA A 260 -0.21 -11.54 20.38
C ALA A 260 -0.64 -12.96 20.02
N LYS A 261 -1.95 -13.18 19.97
CA LYS A 261 -2.49 -14.48 19.57
C LYS A 261 -2.28 -14.70 18.08
N LEU A 262 -1.04 -15.03 17.71
CA LEU A 262 -0.67 -15.14 16.30
C LEU A 262 -1.21 -16.40 15.64
N HIS A 263 -1.64 -16.26 14.39
CA HIS A 263 -2.11 -17.38 13.59
C HIS A 263 -1.25 -17.54 12.34
N VAL A 264 -1.17 -18.75 11.81
CA VAL A 264 -0.37 -19.01 10.63
C VAL A 264 -1.20 -19.49 9.45
N VAL A 265 -0.78 -19.12 8.25
CA VAL A 265 -1.44 -19.57 7.02
C VAL A 265 -0.40 -20.10 6.03
N LYS A 266 -0.72 -21.20 5.39
CA LYS A 266 0.25 -21.89 4.57
C LYS A 266 0.20 -21.50 3.12
N VAL A 267 0.79 -20.38 2.78
CA VAL A 267 0.96 -20.04 1.39
C VAL A 267 1.92 -21.02 0.79
N ARG A 268 2.98 -21.27 1.53
CA ARG A 268 4.01 -22.26 1.25
C ARG A 268 4.85 -22.20 -0.04
N ARG A 269 5.25 -21.02 -0.51
CA ARG A 269 6.18 -20.98 -1.64
C ARG A 269 7.06 -19.76 -1.79
N SER A 270 8.27 -19.95 -2.34
CA SER A 270 9.18 -18.86 -2.65
C SER A 270 10.61 -19.32 -2.91
N LYS A 279 13.27 -22.40 0.03
CA LYS A 279 12.42 -22.94 1.08
C LYS A 279 11.01 -22.41 0.96
N LYS A 280 10.10 -22.97 1.72
CA LYS A 280 8.72 -22.60 1.65
C LYS A 280 8.34 -21.87 2.89
N VAL A 281 7.73 -20.71 2.74
CA VAL A 281 7.53 -19.83 3.89
C VAL A 281 6.07 -19.51 4.00
N ASP A 282 5.66 -19.26 5.22
CA ASP A 282 4.28 -19.20 5.57
C ASP A 282 4.06 -17.86 6.15
N GLU A 283 2.83 -17.41 6.13
CA GLU A 283 2.52 -16.07 6.49
C GLU A 283 2.01 -16.02 7.88
N LEU A 284 2.49 -15.06 8.65
CA LEU A 284 2.10 -14.96 10.05
C LEU A 284 1.12 -13.80 10.28
N LEU A 285 0.07 -14.05 11.04
CA LEU A 285 -0.91 -13.04 11.37
C LEU A 285 -0.95 -12.78 12.88
N ALA A 286 -0.37 -11.67 13.31
CA ALA A 286 -0.33 -11.34 14.73
C ALA A 286 -1.50 -10.45 15.12
N LEU A 287 -2.29 -10.92 16.09
CA LEU A 287 -3.47 -10.17 16.52
C LEU A 287 -3.34 -9.71 17.96
N TYR A 288 -3.38 -8.40 18.16
CA TYR A 288 -3.33 -7.81 19.49
C TYR A 288 -4.73 -7.41 19.94
N LYS A 289 -5.54 -8.40 20.29
CA LYS A 289 -6.91 -8.15 20.74
C LYS A 289 -6.94 -7.92 22.24
N PRO A 290 -7.60 -6.83 22.68
CA PRO A 290 -7.71 -6.49 24.09
C PRO A 290 -8.85 -7.23 24.80
N SAH D . 5.31 -6.55 3.47
N SAH D . 0.03 -3.86 2.23
CA SAH D . 4.97 -6.55 2.05
CA SAH D . 0.10 -2.75 1.29
CB SAH D . 4.14 -5.31 1.72
CB SAH D . 1.53 -2.28 1.08
CG SAH D . 4.95 -4.02 1.63
CG SAH D . 2.62 -3.27 1.47
SD SAH D . 3.91 -2.62 1.13
SD SAH D . 4.22 -2.83 0.75
C SAH D . 6.23 -6.57 1.19
C SAH D . -0.57 -3.08 -0.04
O SAH D . 7.33 -6.30 1.67
O SAH D . -1.61 -3.74 -0.09
OXT SAH D . 6.18 -6.88 0.01
OXT SAH D . -0.08 -2.69 -1.11
C5' SAH D . 4.55 -1.65 2.53
C5' SAH D . 4.72 -1.98 2.26
C4' SAH D . 4.40 -0.15 2.31
C4' SAH D . 4.52 -0.46 2.17
O4' SAH D . 4.80 0.54 3.48
O4' SAH D . 4.91 0.16 3.38
C3' SAH D . 5.28 0.37 1.18
C3' SAH D . 5.34 0.18 1.06
O3' SAH D . 4.46 0.87 0.14
O3' SAH D . 4.48 0.65 0.05
C2' SAH D . 6.08 1.50 1.77
C2' SAH D . 6.06 1.34 1.71
O2' SAH D . 5.94 2.67 0.98
O2' SAH D . 5.81 2.54 1.00
C1' SAH D . 5.49 1.72 3.15
C1' SAH D . 5.47 1.43 3.11
N9 SAH D . 6.54 1.97 4.15
N9 SAH D . 6.51 1.77 4.11
C8 SAH D . 7.84 1.53 4.11
C8 SAH D . 7.82 1.38 4.10
N7 SAH D . 8.48 1.97 5.21
N7 SAH D . 8.43 1.90 5.19
C5 SAH D . 7.61 2.69 5.96
C5 SAH D . 7.53 2.63 5.88
C6 SAH D . 7.75 3.35 7.17
C6 SAH D . 7.64 3.37 7.06
N6 SAH D . 8.91 3.35 7.81
N6 SAH D . 8.79 3.45 7.71
N1 SAH D . 6.66 4.01 7.71
N1 SAH D . 6.52 4.03 7.54
C2 SAH D . 5.45 4.01 7.04
C2 SAH D . 5.33 3.95 6.86
N3 SAH D . 5.33 3.35 5.83
N3 SAH D . 5.23 3.21 5.69
C4 SAH D . 6.39 2.69 5.30
C4 SAH D . 6.32 2.56 5.21
#